data_4JNH
#
_entry.id   4JNH
#
_cell.length_a   35.423
_cell.length_b   94.729
_cell.length_c   61.659
_cell.angle_alpha   90.000
_cell.angle_beta   93.680
_cell.angle_gamma   90.000
#
_symmetry.space_group_name_H-M   'P 1 21 1'
#
loop_
_entity.id
_entity.type
_entity.pdbx_description
1 polymer 'Gag polyprotein'
2 water water
#
_entity_poly.entity_id   1
_entity_poly.type   'polypeptide(L)'
_entity_poly.pdbx_seq_one_letter_code
;(MSE)AHHHHHHSAALEVLFQGPG(MSE)ASGSNVEEYELDVEALVVILRDRNIPRNPLHGEVIGLRLTEGWWGQIERFQ
(MSE)VRLILQNDDNEPLQRPRYEVIQRAVNPHT(MSE)F(MSE)ISGPLAELQLAFQDLDLPEGPLRFGPLANGHYVQG
DPYSSSYRPVT(MSE)AETAQ(MSE)TRDELEDVLNTQSEIEIQ(MSE)INLLELYEVETRALRRQLAERS
;
_entity_poly.pdbx_strand_id   A,B
#
# COMPACT_ATOMS: atom_id res chain seq x y z
N GLU A 29 -7.34 7.82 -29.00
CA GLU A 29 -6.95 9.10 -29.61
C GLU A 29 -7.91 10.26 -29.32
N TYR A 30 -7.38 11.30 -28.67
CA TYR A 30 -8.17 12.46 -28.27
C TYR A 30 -7.69 13.72 -28.97
N GLU A 31 -8.42 14.81 -28.79
CA GLU A 31 -8.14 16.04 -29.52
C GLU A 31 -6.95 16.81 -28.95
N LEU A 32 -6.13 17.36 -29.83
CA LEU A 32 -4.95 18.11 -29.43
C LEU A 32 -5.07 19.56 -29.91
N ASP A 33 -4.91 20.51 -28.99
CA ASP A 33 -4.82 21.92 -29.37
C ASP A 33 -3.37 22.35 -29.38
N VAL A 34 -2.77 22.34 -30.57
CA VAL A 34 -1.32 22.55 -30.69
C VAL A 34 -0.87 23.96 -30.34
N GLU A 35 -1.75 24.94 -30.53
CA GLU A 35 -1.41 26.32 -30.17
C GLU A 35 -1.38 26.50 -28.65
N ALA A 36 -2.22 25.76 -27.93
CA ALA A 36 -2.17 25.76 -26.47
C ALA A 36 -0.88 25.06 -26.02
N LEU A 37 -0.58 23.93 -26.64
CA LEU A 37 0.66 23.22 -26.37
C LEU A 37 1.89 24.12 -26.50
N VAL A 38 1.89 24.96 -27.53
CA VAL A 38 3.04 25.81 -27.79
C VAL A 38 3.16 26.87 -26.71
N VAL A 39 2.02 27.42 -26.30
CA VAL A 39 1.99 28.35 -25.17
C VAL A 39 2.57 27.66 -23.93
N ILE A 40 2.14 26.43 -23.67
CA ILE A 40 2.63 25.64 -22.55
C ILE A 40 4.14 25.47 -22.66
N LEU A 41 4.61 25.16 -23.86
CA LEU A 41 6.06 25.05 -24.08
C LEU A 41 6.76 26.39 -23.76
N ARG A 42 6.30 27.46 -24.38
CA ARG A 42 6.96 28.75 -24.21
C ARG A 42 6.96 29.19 -22.75
N ASP A 43 5.84 29.05 -22.07
CA ASP A 43 5.79 29.40 -20.64
C ASP A 43 6.89 28.71 -19.83
N ARG A 44 7.34 27.55 -20.31
CA ARG A 44 8.35 26.79 -19.62
C ARG A 44 9.75 26.95 -20.22
N ASN A 45 9.90 27.96 -21.08
CA ASN A 45 11.17 28.26 -21.72
C ASN A 45 11.70 27.07 -22.50
N ILE A 46 10.77 26.30 -23.07
CA ILE A 46 11.09 25.24 -24.03
C ILE A 46 10.83 25.76 -25.44
N PRO A 47 11.88 25.83 -26.27
CA PRO A 47 11.76 26.52 -27.55
C PRO A 47 11.36 25.60 -28.70
N ARG A 48 11.54 24.28 -28.51
CA ARG A 48 11.28 23.30 -29.56
C ARG A 48 9.83 23.28 -30.04
N ASN A 49 9.66 23.15 -31.33
CA ASN A 49 8.34 22.96 -31.91
C ASN A 49 7.94 21.50 -31.80
N PRO A 50 6.73 21.25 -31.28
CA PRO A 50 6.24 19.88 -31.15
C PRO A 50 6.12 19.25 -32.54
N LEU A 51 6.58 18.03 -32.70
CA LEU A 51 6.55 17.36 -34.00
C LEU A 51 5.66 16.11 -34.02
N HIS A 52 5.14 15.77 -35.18
CA HIS A 52 4.42 14.51 -35.35
C HIS A 52 5.21 13.32 -34.81
N GLY A 53 4.54 12.44 -34.08
CA GLY A 53 5.21 11.23 -33.62
C GLY A 53 6.06 11.37 -32.36
N GLU A 54 6.22 12.60 -31.86
CA GLU A 54 6.99 12.79 -30.63
C GLU A 54 6.25 12.29 -29.38
N VAL A 55 7.00 11.71 -28.45
CA VAL A 55 6.38 11.22 -27.22
C VAL A 55 6.72 12.15 -26.07
N ILE A 56 5.73 12.52 -25.26
CA ILE A 56 5.97 13.44 -24.16
C ILE A 56 5.62 12.84 -22.82
N GLY A 57 6.51 13.05 -21.85
CA GLY A 57 6.28 12.60 -20.49
C GLY A 57 5.68 13.73 -19.68
N LEU A 58 4.51 13.51 -19.12
CA LEU A 58 3.82 14.56 -18.38
C LEU A 58 3.89 14.32 -16.88
N ARG A 59 4.32 15.33 -16.15
CA ARG A 59 4.21 15.31 -14.71
C ARG A 59 3.08 16.25 -14.33
N LEU A 60 1.98 15.66 -13.89
CA LEU A 60 0.80 16.40 -13.47
C LEU A 60 0.91 16.67 -11.98
N THR A 61 1.10 17.94 -11.62
CA THR A 61 1.39 18.30 -10.23
C THR A 61 0.16 18.22 -9.35
N GLU A 62 -1.01 18.28 -9.98
CA GLU A 62 -2.26 18.08 -9.26
C GLU A 62 -3.39 17.82 -10.25
N GLY A 63 -4.50 17.32 -9.74
CA GLY A 63 -5.66 16.99 -10.55
C GLY A 63 -6.87 16.62 -9.71
N TRP A 64 -7.79 15.88 -10.32
CA TRP A 64 -9.05 15.51 -9.66
C TRP A 64 -8.79 14.53 -8.53
N TRP A 65 -7.62 13.90 -8.58
CA TRP A 65 -7.22 12.92 -7.60
C TRP A 65 -6.69 13.56 -6.32
N GLY A 66 -6.30 14.83 -6.38
CA GLY A 66 -5.76 15.53 -5.24
C GLY A 66 -4.51 16.33 -5.59
N GLN A 67 -3.84 16.87 -4.57
CA GLN A 67 -2.67 17.72 -4.77
C GLN A 67 -1.38 16.93 -4.66
N ILE A 68 -1.21 16.00 -5.58
CA ILE A 68 -0.04 15.13 -5.56
C ILE A 68 0.34 14.84 -7.00
N GLU A 69 1.62 14.57 -7.21
CA GLU A 69 2.11 14.38 -8.57
C GLU A 69 1.74 13.01 -9.10
N ARG A 70 1.40 12.98 -10.37
CA ARG A 70 1.08 11.77 -11.10
C ARG A 70 1.73 11.93 -12.47
N PHE A 71 1.69 10.89 -13.29
CA PHE A 71 2.41 10.92 -14.56
C PHE A 71 1.57 10.34 -15.68
N GLN A 72 1.82 10.83 -16.88
CA GLN A 72 1.13 10.34 -18.08
C GLN A 72 2.05 10.48 -19.30
N MSE A 73 1.83 9.62 -20.29
CA MSE A 73 2.70 9.61 -21.45
C MSE A 73 1.84 9.67 -22.70
O MSE A 73 0.91 8.89 -22.86
CB MSE A 73 3.54 8.34 -21.42
CG MSE A 73 4.29 8.07 -22.69
SE MSE A 73 6.03 7.41 -22.30
CE MSE A 73 6.79 9.14 -21.73
N VAL A 74 2.15 10.62 -23.57
CA VAL A 74 1.31 10.85 -24.73
C VAL A 74 2.16 10.96 -26.00
N ARG A 75 1.54 10.68 -27.13
CA ARG A 75 2.23 10.78 -28.42
C ARG A 75 1.46 11.70 -29.34
N LEU A 76 2.15 12.68 -29.94
CA LEU A 76 1.48 13.64 -30.83
C LEU A 76 1.18 13.03 -32.18
N ILE A 77 -0.01 13.32 -32.68
CA ILE A 77 -0.45 12.95 -34.02
C ILE A 77 -0.78 14.23 -34.80
N LEU A 78 0.15 14.70 -35.64
CA LEU A 78 0.00 16.00 -36.28
C LEU A 78 -0.27 15.86 -37.75
N GLN A 79 -0.17 14.64 -38.24
CA GLN A 79 -0.38 14.44 -39.68
C GLN A 79 -0.92 13.06 -40.02
N ASN A 80 -1.37 12.92 -41.27
CA ASN A 80 -2.06 11.71 -41.67
C ASN A 80 -1.14 10.80 -42.47
N ASP A 81 -1.64 9.62 -42.80
CA ASP A 81 -0.86 8.63 -43.53
C ASP A 81 -0.28 9.17 -44.82
N ASP A 82 -0.85 10.26 -45.32
CA ASP A 82 -0.36 10.89 -46.55
C ASP A 82 0.66 12.01 -46.26
N ASN A 83 1.04 12.13 -44.99
CA ASN A 83 2.03 13.11 -44.54
C ASN A 83 1.58 14.55 -44.68
N GLU A 84 0.28 14.76 -44.71
CA GLU A 84 -0.29 16.10 -44.78
C GLU A 84 -0.78 16.48 -43.38
N PRO A 85 -0.62 17.76 -43.02
CA PRO A 85 -0.98 18.27 -41.69
C PRO A 85 -2.45 18.03 -41.40
N LEU A 86 -2.78 17.63 -40.18
CA LEU A 86 -4.19 17.44 -39.79
C LEU A 86 -4.89 18.76 -39.52
N GLN A 87 -6.13 18.87 -39.97
CA GLN A 87 -6.94 20.05 -39.64
C GLN A 87 -7.24 20.02 -38.14
N ARG A 88 -7.45 18.81 -37.61
CA ARG A 88 -7.75 18.62 -36.20
C ARG A 88 -6.79 17.60 -35.61
N PRO A 89 -5.64 18.08 -35.11
CA PRO A 89 -4.58 17.22 -34.56
C PRO A 89 -5.02 16.45 -33.31
N ARG A 90 -4.34 15.36 -33.02
CA ARG A 90 -4.74 14.51 -31.92
C ARG A 90 -3.52 14.09 -31.12
N TYR A 91 -3.75 13.32 -30.07
CA TYR A 91 -2.68 12.70 -29.33
C TYR A 91 -3.18 11.35 -28.85
N GLU A 92 -2.26 10.45 -28.53
CA GLU A 92 -2.67 9.19 -27.95
C GLU A 92 -1.89 8.88 -26.68
N VAL A 93 -2.49 8.05 -25.84
CA VAL A 93 -1.87 7.65 -24.60
C VAL A 93 -0.93 6.51 -24.94
N ILE A 94 0.29 6.55 -24.40
CA ILE A 94 1.26 5.47 -24.55
C ILE A 94 1.33 4.66 -23.26
N GLN A 95 1.25 3.34 -23.37
CA GLN A 95 1.18 2.46 -22.22
C GLN A 95 2.54 2.14 -21.59
N ARG A 96 3.41 3.13 -21.49
CA ARG A 96 4.69 2.98 -20.79
C ARG A 96 4.77 4.07 -19.74
N ALA A 97 5.32 3.75 -18.58
CA ALA A 97 5.46 4.73 -17.51
C ALA A 97 6.54 5.75 -17.84
N VAL A 98 6.30 7.00 -17.48
CA VAL A 98 7.29 8.05 -17.54
C VAL A 98 8.49 7.72 -16.65
N ASN A 99 9.70 7.95 -17.15
CA ASN A 99 10.94 7.62 -16.42
C ASN A 99 11.71 8.86 -16.03
N PRO A 100 12.71 8.71 -15.13
CA PRO A 100 13.44 9.93 -14.76
C PRO A 100 14.24 10.44 -15.96
N HIS A 101 14.70 9.51 -16.80
CA HIS A 101 15.46 9.87 -17.96
C HIS A 101 14.58 10.23 -19.16
N THR A 102 13.26 10.16 -19.02
CA THR A 102 12.37 10.53 -20.13
C THR A 102 12.73 11.91 -20.69
N MSE A 103 13.01 11.97 -21.97
CA MSE A 103 13.65 13.13 -22.59
C MSE A 103 12.84 14.42 -22.66
O MSE A 103 13.32 15.50 -22.32
CB MSE A 103 14.11 12.78 -24.00
CG MSE A 103 14.43 13.99 -24.86
SE MSE A 103 15.50 13.46 -26.40
CE MSE A 103 16.77 12.27 -25.51
N PHE A 104 11.60 14.30 -23.14
CA PHE A 104 10.76 15.47 -23.34
C PHE A 104 9.71 15.45 -22.25
N MSE A 105 9.84 16.35 -21.28
CA MSE A 105 8.97 16.32 -20.12
C MSE A 105 8.31 17.66 -19.88
O MSE A 105 8.91 18.70 -20.08
CB MSE A 105 9.78 15.95 -18.88
CG MSE A 105 9.69 14.47 -18.50
SE MSE A 105 11.04 14.19 -17.13
CE MSE A 105 10.41 15.51 -15.82
N ILE A 106 7.07 17.61 -19.42
CA ILE A 106 6.33 18.83 -19.08
C ILE A 106 5.63 18.63 -17.75
N SER A 107 5.79 19.60 -16.85
CA SER A 107 5.12 19.58 -15.56
C SER A 107 4.08 20.69 -15.49
N GLY A 108 2.95 20.42 -14.86
CA GLY A 108 1.92 21.42 -14.68
C GLY A 108 0.66 20.78 -14.15
N PRO A 109 -0.26 21.59 -13.65
CA PRO A 109 -1.52 21.06 -13.13
C PRO A 109 -2.37 20.46 -14.25
N LEU A 110 -3.21 19.49 -13.91
CA LEU A 110 -4.12 18.88 -14.88
C LEU A 110 -4.90 19.91 -15.67
N ALA A 111 -5.45 20.90 -14.97
CA ALA A 111 -6.30 21.86 -15.64
C ALA A 111 -5.54 22.60 -16.73
N GLU A 112 -4.27 22.92 -16.47
CA GLU A 112 -3.50 23.65 -17.46
C GLU A 112 -3.14 22.76 -18.65
N LEU A 113 -2.74 21.52 -18.37
CA LEU A 113 -2.33 20.62 -19.45
C LEU A 113 -3.50 20.22 -20.36
N GLN A 114 -4.71 20.14 -19.78
CA GLN A 114 -5.92 19.84 -20.55
C GLN A 114 -6.27 20.93 -21.55
N LEU A 115 -5.66 22.11 -21.40
CA LEU A 115 -5.79 23.12 -22.43
C LEU A 115 -5.23 22.61 -23.77
N ALA A 116 -4.18 21.80 -23.72
CA ALA A 116 -3.61 21.24 -24.94
C ALA A 116 -4.16 19.85 -25.21
N PHE A 117 -4.20 19.03 -24.16
CA PHE A 117 -4.60 17.64 -24.28
C PHE A 117 -6.02 17.44 -23.74
N GLN A 118 -7.01 17.54 -24.62
CA GLN A 118 -8.40 17.46 -24.21
C GLN A 118 -8.70 16.09 -23.60
N ASP A 119 -9.40 16.10 -22.47
CA ASP A 119 -9.83 14.89 -21.77
C ASP A 119 -8.68 14.10 -21.12
N LEU A 120 -7.50 14.71 -21.08
CA LEU A 120 -6.35 14.07 -20.45
C LEU A 120 -6.73 13.50 -19.08
N ASP A 121 -6.31 12.26 -18.83
CA ASP A 121 -6.63 11.57 -17.59
C ASP A 121 -5.40 10.77 -17.16
N LEU A 122 -5.48 10.19 -15.97
CA LEU A 122 -4.44 9.30 -15.49
C LEU A 122 -4.48 8.00 -16.28
N PRO A 123 -3.33 7.33 -16.37
CA PRO A 123 -3.22 6.06 -17.06
C PRO A 123 -3.64 4.92 -16.13
N GLU A 124 -3.68 3.71 -16.67
CA GLU A 124 -4.16 2.55 -15.94
C GLU A 124 -3.24 2.10 -14.81
N GLY A 125 -3.83 1.83 -13.66
CA GLY A 125 -3.05 1.27 -12.56
C GLY A 125 -1.80 2.07 -12.23
N PRO A 126 -0.72 1.36 -11.90
CA PRO A 126 0.51 1.95 -11.35
C PRO A 126 1.34 2.70 -12.38
N LEU A 127 0.93 2.69 -13.64
CA LEU A 127 1.59 3.52 -14.63
C LEU A 127 1.62 4.97 -14.15
N ARG A 128 0.58 5.37 -13.43
CA ARG A 128 0.41 6.76 -12.98
C ARG A 128 1.49 7.19 -12.02
N PHE A 129 2.26 6.22 -11.52
CA PHE A 129 3.34 6.48 -10.59
C PHE A 129 4.63 6.95 -11.31
N GLY A 130 4.64 6.80 -12.64
CA GLY A 130 5.80 7.20 -13.42
C GLY A 130 7.03 6.42 -13.02
N PRO A 131 8.05 7.10 -12.48
CA PRO A 131 9.27 6.40 -12.08
C PRO A 131 9.04 5.40 -10.96
N LEU A 132 7.93 5.49 -10.23
CA LEU A 132 7.64 4.44 -9.25
C LEU A 132 6.62 3.41 -9.73
N ALA A 133 6.36 3.40 -11.03
CA ALA A 133 5.39 2.46 -11.62
C ALA A 133 5.73 0.99 -11.37
N ASN A 134 7.00 0.68 -11.14
CA ASN A 134 7.37 -0.69 -10.77
C ASN A 134 7.90 -0.86 -9.35
N GLY A 135 7.49 0.05 -8.47
CA GLY A 135 7.72 -0.10 -7.04
C GLY A 135 9.14 0.14 -6.54
N HIS A 136 9.99 0.72 -7.37
CA HIS A 136 11.39 0.93 -6.98
C HIS A 136 11.58 2.21 -6.19
N TYR A 137 11.53 2.08 -4.86
CA TYR A 137 11.64 3.23 -3.95
C TYR A 137 13.07 3.39 -3.49
N VAL A 138 13.67 4.54 -3.81
CA VAL A 138 15.09 4.77 -3.54
C VAL A 138 15.37 5.92 -2.58
N GLN A 139 16.06 5.63 -1.49
CA GLN A 139 16.41 6.67 -0.52
C GLN A 139 17.17 7.85 -1.15
N GLY A 140 16.70 9.06 -0.90
CA GLY A 140 17.36 10.24 -1.42
C GLY A 140 16.93 10.64 -2.82
N ASP A 141 16.20 9.76 -3.51
CA ASP A 141 15.74 10.07 -4.87
C ASP A 141 14.57 11.05 -4.84
N PRO A 142 14.64 12.10 -5.65
CA PRO A 142 13.56 13.10 -5.63
C PRO A 142 12.21 12.46 -5.94
N TYR A 143 12.16 11.55 -6.92
CA TYR A 143 10.88 10.95 -7.28
C TYR A 143 10.31 10.10 -6.16
N SER A 144 11.18 9.41 -5.43
CA SER A 144 10.74 8.58 -4.32
C SER A 144 10.19 9.49 -3.23
N SER A 145 10.86 10.63 -3.06
CA SER A 145 10.49 11.64 -2.08
C SER A 145 9.08 12.21 -2.32
N SER A 146 8.74 12.35 -3.60
CA SER A 146 7.53 13.02 -4.02
C SER A 146 6.37 12.04 -4.14
N TYR A 147 6.69 10.75 -4.12
CA TYR A 147 5.67 9.73 -4.28
C TYR A 147 4.61 9.83 -3.22
N ARG A 148 3.37 9.57 -3.61
CA ARG A 148 2.26 9.53 -2.69
C ARG A 148 1.31 8.46 -3.21
N PRO A 149 0.80 7.61 -2.28
CA PRO A 149 -0.08 6.49 -2.60
C PRO A 149 -1.39 6.94 -3.27
N VAL A 150 -2.14 6.00 -3.83
CA VAL A 150 -3.39 6.37 -4.47
C VAL A 150 -4.39 6.86 -3.42
N THR A 151 -5.21 7.81 -3.82
CA THR A 151 -6.22 8.36 -2.94
C THR A 151 -7.53 7.58 -3.12
N MSE A 152 -8.48 7.84 -2.24
CA MSE A 152 -9.77 7.18 -2.28
C MSE A 152 -10.56 7.54 -3.53
O MSE A 152 -11.25 6.70 -4.10
CB MSE A 152 -10.55 7.46 -0.99
CG MSE A 152 -9.95 6.71 0.21
SE MSE A 152 -10.51 7.29 2.00
CE MSE A 152 -9.67 9.05 2.06
N ALA A 153 -10.45 8.79 -3.97
CA ALA A 153 -11.03 9.20 -5.25
C ALA A 153 -10.49 8.36 -6.40
N GLU A 154 -9.23 7.93 -6.32
CA GLU A 154 -8.61 7.16 -7.41
C GLU A 154 -9.06 5.72 -7.41
N THR A 155 -9.14 5.14 -6.21
CA THR A 155 -9.44 3.72 -6.07
C THR A 155 -10.90 3.39 -6.33
N ALA A 156 -11.78 4.35 -6.12
CA ALA A 156 -13.19 4.19 -6.45
C ALA A 156 -13.34 4.09 -7.97
N GLN A 157 -12.39 4.66 -8.70
CA GLN A 157 -12.44 4.66 -10.17
C GLN A 157 -11.77 3.46 -10.84
N MSE A 158 -11.22 2.54 -10.07
CA MSE A 158 -10.42 1.45 -10.67
C MSE A 158 -11.18 0.14 -10.92
O MSE A 158 -12.15 -0.17 -10.23
CB MSE A 158 -9.19 1.18 -9.82
CG MSE A 158 -8.21 2.35 -9.79
SE MSE A 158 -6.64 2.01 -8.66
CE MSE A 158 -5.67 3.69 -8.96
N THR A 159 -10.71 -0.62 -11.90
CA THR A 159 -11.18 -1.98 -12.10
C THR A 159 -10.47 -2.92 -11.14
N ARG A 160 -10.98 -4.15 -11.04
CA ARG A 160 -10.37 -5.14 -10.19
C ARG A 160 -8.88 -5.35 -10.51
N ASP A 161 -8.56 -5.52 -11.78
CA ASP A 161 -7.18 -5.77 -12.14
C ASP A 161 -6.28 -4.56 -11.87
N GLU A 162 -6.79 -3.35 -12.05
CA GLU A 162 -6.01 -2.15 -11.72
C GLU A 162 -5.67 -2.14 -10.24
N LEU A 163 -6.65 -2.46 -9.41
CA LEU A 163 -6.50 -2.41 -7.97
C LEU A 163 -5.43 -3.40 -7.54
N GLU A 164 -5.47 -4.59 -8.11
CA GLU A 164 -4.47 -5.60 -7.80
C GLU A 164 -3.07 -5.10 -8.14
N ASP A 165 -2.91 -4.54 -9.33
CA ASP A 165 -1.62 -4.04 -9.79
C ASP A 165 -1.12 -2.91 -8.90
N VAL A 166 -2.00 -1.95 -8.60
CA VAL A 166 -1.61 -0.84 -7.75
C VAL A 166 -1.25 -1.34 -6.37
N LEU A 167 -2.12 -2.13 -5.80
CA LEU A 167 -1.86 -2.71 -4.49
C LEU A 167 -0.54 -3.49 -4.51
N ASN A 168 -0.32 -4.29 -5.56
CA ASN A 168 0.92 -5.06 -5.59
C ASN A 168 2.14 -4.15 -5.57
N THR A 169 2.02 -3.04 -6.26
CA THR A 169 3.13 -2.11 -6.43
C THR A 169 3.36 -1.30 -5.16
N GLN A 170 2.28 -0.81 -4.55
CA GLN A 170 2.43 -0.08 -3.29
C GLN A 170 2.99 -0.99 -2.20
N SER A 171 2.61 -2.26 -2.22
CA SER A 171 3.16 -3.21 -1.26
C SER A 171 4.67 -3.35 -1.40
N GLU A 172 5.18 -3.33 -2.63
CA GLU A 172 6.62 -3.45 -2.83
C GLU A 172 7.31 -2.21 -2.26
N ILE A 173 6.72 -1.06 -2.54
CA ILE A 173 7.16 0.22 -1.99
C ILE A 173 7.22 0.21 -0.47
N GLU A 174 6.16 -0.29 0.16
CA GLU A 174 6.12 -0.35 1.62
C GLU A 174 7.23 -1.22 2.19
N ILE A 175 7.55 -2.30 1.49
CA ILE A 175 8.59 -3.20 1.98
C ILE A 175 9.95 -2.48 2.07
N GLN A 176 10.24 -1.66 1.05
CA GLN A 176 11.43 -0.82 1.07
C GLN A 176 11.33 0.29 2.14
N MSE A 177 10.16 0.90 2.29
CA MSE A 177 10.01 1.93 3.30
C MSE A 177 10.25 1.33 4.68
O MSE A 177 10.89 1.92 5.54
CB MSE A 177 8.61 2.55 3.27
CG MSE A 177 8.35 3.54 2.14
SE MSE A 177 6.43 4.06 2.14
CE MSE A 177 6.50 5.39 0.71
N ILE A 178 9.68 0.15 4.90
CA ILE A 178 9.85 -0.50 6.18
C ILE A 178 11.33 -0.74 6.44
N ASN A 179 12.03 -1.27 5.43
CA ASN A 179 13.45 -1.55 5.56
C ASN A 179 14.25 -0.30 5.85
N LEU A 180 13.85 0.80 5.21
CA LEU A 180 14.49 2.09 5.41
C LEU A 180 14.22 2.63 6.83
N LEU A 181 13.02 2.37 7.35
CA LEU A 181 12.66 2.80 8.69
C LEU A 181 13.51 2.07 9.72
N GLU A 182 13.74 0.77 9.51
CA GLU A 182 14.59 -0.02 10.40
C GLU A 182 16.03 0.53 10.41
N LEU A 183 16.57 0.79 9.22
CA LEU A 183 17.91 1.36 9.10
C LEU A 183 17.98 2.71 9.79
N TYR A 184 16.93 3.51 9.66
CA TYR A 184 16.94 4.82 10.30
C TYR A 184 17.03 4.67 11.81
N GLU A 185 16.28 3.73 12.36
CA GLU A 185 16.29 3.49 13.81
C GLU A 185 17.66 3.04 14.34
N VAL A 186 18.30 2.12 13.62
CA VAL A 186 19.62 1.64 14.00
C VAL A 186 20.63 2.79 13.95
N GLU A 187 20.63 3.52 12.85
CA GLU A 187 21.54 4.64 12.65
C GLU A 187 21.32 5.74 13.68
N THR A 188 20.05 6.06 13.93
CA THR A 188 19.70 7.07 14.91
C THR A 188 20.17 6.67 16.32
N ARG A 189 20.11 5.38 16.60
CA ARG A 189 20.51 4.86 17.89
C ARG A 189 22.01 5.00 18.02
N ALA A 190 22.73 4.59 16.97
CA ALA A 190 24.18 4.63 16.93
C ALA A 190 24.69 6.06 17.04
N LEU A 191 24.03 6.98 16.33
CA LEU A 191 24.43 8.40 16.37
C LEU A 191 24.25 8.94 17.78
N ARG A 192 23.16 8.57 18.44
CA ARG A 192 22.91 9.08 19.78
C ARG A 192 23.94 8.53 20.75
N ARG A 193 24.34 7.28 20.54
CA ARG A 193 25.37 6.67 21.36
C ARG A 193 26.73 7.35 21.14
N GLN A 194 27.08 7.57 19.87
CA GLN A 194 28.31 8.28 19.53
C GLN A 194 28.33 9.67 20.13
N LEU A 195 27.16 10.31 20.17
CA LEU A 195 27.06 11.68 20.66
C LEU A 195 27.23 11.76 22.17
N ALA A 196 26.81 10.71 22.87
CA ALA A 196 27.00 10.68 24.32
C ALA A 196 28.47 10.41 24.65
N GLU A 197 29.09 9.53 23.86
CA GLU A 197 30.49 9.17 24.02
C GLU A 197 31.42 10.37 23.75
N ARG A 198 30.94 11.33 22.96
CA ARG A 198 31.77 12.47 22.59
C ARG A 198 31.29 13.77 23.24
N SER A 199 30.32 13.65 24.14
CA SER A 199 29.87 14.80 24.91
C SER A 199 30.54 14.78 26.27
N VAL B 27 -24.03 -17.26 7.47
CA VAL B 27 -23.42 -17.52 8.77
C VAL B 27 -22.72 -18.87 8.80
N GLU B 28 -21.49 -18.92 8.28
CA GLU B 28 -20.73 -20.16 8.24
C GLU B 28 -20.05 -20.52 9.58
N GLU B 29 -20.25 -21.76 9.99
CA GLU B 29 -19.62 -22.34 11.17
C GLU B 29 -18.72 -23.50 10.74
N TYR B 30 -17.58 -23.66 11.43
CA TYR B 30 -16.61 -24.68 11.06
C TYR B 30 -16.30 -25.60 12.24
N GLU B 31 -15.71 -26.75 11.98
CA GLU B 31 -15.41 -27.69 13.06
C GLU B 31 -14.33 -27.19 14.01
N LEU B 32 -14.49 -27.53 15.28
CA LEU B 32 -13.52 -27.16 16.31
C LEU B 32 -13.13 -28.41 17.07
N ASP B 33 -11.83 -28.63 17.21
CA ASP B 33 -11.32 -29.73 18.00
C ASP B 33 -10.84 -29.18 19.33
N VAL B 34 -11.72 -29.21 20.32
CA VAL B 34 -11.47 -28.58 21.61
C VAL B 34 -10.25 -29.16 22.30
N GLU B 35 -10.07 -30.47 22.19
CA GLU B 35 -8.93 -31.12 22.82
C GLU B 35 -7.65 -30.53 22.22
N ALA B 36 -7.68 -30.27 20.92
CA ALA B 36 -6.53 -29.73 20.23
C ALA B 36 -6.33 -28.29 20.66
N LEU B 37 -7.43 -27.55 20.79
CA LEU B 37 -7.35 -26.21 21.33
C LEU B 37 -6.70 -26.20 22.71
N VAL B 38 -7.09 -27.16 23.55
CA VAL B 38 -6.60 -27.19 24.92
C VAL B 38 -5.10 -27.49 24.95
N VAL B 39 -4.63 -28.32 24.03
CA VAL B 39 -3.19 -28.57 23.90
C VAL B 39 -2.49 -27.30 23.47
N ILE B 40 -3.06 -26.62 22.48
CA ILE B 40 -2.54 -25.33 22.07
C ILE B 40 -2.40 -24.40 23.27
N LEU B 41 -3.43 -24.35 24.11
CA LEU B 41 -3.40 -23.52 25.31
C LEU B 41 -2.32 -23.96 26.32
N ARG B 42 -2.29 -25.25 26.63
CA ARG B 42 -1.30 -25.76 27.58
C ARG B 42 0.11 -25.51 27.10
N ASP B 43 0.36 -25.72 25.81
CA ASP B 43 1.66 -25.44 25.23
C ASP B 43 2.12 -24.02 25.56
N ARG B 44 1.16 -23.14 25.85
CA ARG B 44 1.48 -21.74 26.05
C ARG B 44 1.29 -21.28 27.50
N ASN B 45 1.28 -22.24 28.42
CA ASN B 45 1.05 -21.92 29.83
C ASN B 45 -0.20 -21.09 30.09
N ILE B 46 -1.29 -21.44 29.40
CA ILE B 46 -2.59 -20.85 29.67
C ILE B 46 -3.51 -21.95 30.18
N PRO B 47 -3.87 -21.91 31.48
CA PRO B 47 -4.56 -23.03 32.14
C PRO B 47 -6.09 -22.96 32.09
N ARG B 48 -6.64 -21.89 31.52
CA ARG B 48 -8.09 -21.73 31.40
C ARG B 48 -8.69 -22.75 30.44
N ASN B 49 -9.89 -23.22 30.76
CA ASN B 49 -10.65 -24.01 29.82
C ASN B 49 -11.54 -23.12 28.98
N PRO B 50 -11.59 -23.39 27.66
CA PRO B 50 -12.42 -22.67 26.69
C PRO B 50 -13.90 -22.81 26.99
N LEU B 51 -14.62 -21.69 26.95
CA LEU B 51 -16.05 -21.71 27.29
C LEU B 51 -16.92 -21.40 26.08
N HIS B 52 -18.14 -21.92 26.06
CA HIS B 52 -19.07 -21.52 25.02
C HIS B 52 -19.17 -20.00 24.95
N GLY B 53 -19.13 -19.44 23.73
CA GLY B 53 -19.29 -18.01 23.54
C GLY B 53 -18.04 -17.16 23.75
N GLU B 54 -16.93 -17.76 24.18
CA GLU B 54 -15.69 -17.01 24.29
C GLU B 54 -15.22 -16.59 22.90
N VAL B 55 -14.67 -15.40 22.81
CA VAL B 55 -14.15 -14.91 21.55
C VAL B 55 -12.63 -14.81 21.67
N ILE B 56 -11.93 -15.35 20.69
CA ILE B 56 -10.47 -15.44 20.74
C ILE B 56 -9.79 -14.67 19.59
N GLY B 57 -8.82 -13.84 19.96
CA GLY B 57 -7.99 -13.13 19.00
C GLY B 57 -6.82 -14.02 18.60
N LEU B 58 -6.67 -14.24 17.30
CA LEU B 58 -5.61 -15.09 16.79
C LEU B 58 -4.57 -14.27 16.04
N ARG B 59 -3.34 -14.35 16.50
CA ARG B 59 -2.24 -13.83 15.70
C ARG B 59 -1.58 -15.01 15.02
N LEU B 60 -1.81 -15.12 13.70
CA LEU B 60 -1.20 -16.17 12.89
C LEU B 60 0.18 -15.68 12.46
N THR B 61 1.20 -16.25 13.08
CA THR B 61 2.58 -15.82 12.88
C THR B 61 3.06 -16.03 11.44
N GLU B 62 2.44 -16.98 10.74
CA GLU B 62 2.81 -17.30 9.37
C GLU B 62 1.76 -18.24 8.80
N GLY B 63 1.66 -18.28 7.48
CA GLY B 63 0.71 -19.15 6.82
C GLY B 63 0.98 -19.28 5.33
N TRP B 64 -0.08 -19.52 4.57
CA TRP B 64 0.02 -19.69 3.12
C TRP B 64 0.36 -18.38 2.40
N TRP B 65 0.22 -17.25 3.10
CA TRP B 65 0.47 -15.93 2.54
C TRP B 65 1.92 -15.58 2.73
N GLY B 66 2.61 -16.37 3.55
CA GLY B 66 4.02 -16.12 3.82
C GLY B 66 4.34 -16.10 5.31
N GLN B 67 5.60 -15.81 5.63
CA GLN B 67 6.02 -15.75 7.02
C GLN B 67 5.92 -14.35 7.58
N ILE B 68 4.70 -13.82 7.58
CA ILE B 68 4.42 -12.53 8.19
C ILE B 68 3.17 -12.71 9.01
N GLU B 69 3.00 -11.87 10.03
CA GLU B 69 1.86 -12.04 10.93
C GLU B 69 0.58 -11.42 10.39
N ARG B 70 -0.50 -12.20 10.54
CA ARG B 70 -1.84 -11.79 10.19
C ARG B 70 -2.75 -12.06 11.38
N PHE B 71 -4.00 -11.59 11.30
CA PHE B 71 -4.93 -11.72 12.43
C PHE B 71 -6.29 -12.25 12.05
N GLN B 72 -6.93 -12.91 13.01
CA GLN B 72 -8.26 -13.48 12.79
C GLN B 72 -9.00 -13.61 14.12
N MSE B 73 -10.33 -13.54 14.05
CA MSE B 73 -11.13 -13.55 15.26
C MSE B 73 -12.23 -14.60 15.19
O MSE B 73 -12.90 -14.73 14.17
CB MSE B 73 -11.75 -12.20 15.45
CG MSE B 73 -12.75 -12.16 16.55
SE MSE B 73 -12.61 -10.46 17.43
CE MSE B 73 -10.93 -10.88 18.30
N VAL B 74 -12.42 -15.31 16.29
CA VAL B 74 -13.33 -16.44 16.29
C VAL B 74 -14.11 -16.57 17.57
N ARG B 75 -15.25 -17.28 17.48
CA ARG B 75 -16.10 -17.50 18.63
C ARG B 75 -16.38 -18.99 18.78
N LEU B 76 -16.12 -19.48 19.99
CA LEU B 76 -16.36 -20.88 20.30
C LEU B 76 -17.85 -21.17 20.41
N ILE B 77 -18.24 -22.29 19.82
CA ILE B 77 -19.58 -22.85 19.94
C ILE B 77 -19.43 -24.26 20.51
N LEU B 78 -19.69 -24.41 21.81
CA LEU B 78 -19.45 -25.68 22.51
C LEU B 78 -20.76 -26.38 22.84
N GLN B 79 -21.87 -25.67 22.69
CA GLN B 79 -23.17 -26.20 23.08
C GLN B 79 -24.30 -25.67 22.21
N ASN B 80 -25.46 -26.32 22.28
CA ASN B 80 -26.61 -25.92 21.48
C ASN B 80 -27.42 -24.84 22.16
N ASP B 81 -28.51 -24.44 21.52
CA ASP B 81 -29.36 -23.39 22.07
C ASP B 81 -30.07 -23.83 23.35
N ASP B 82 -29.83 -25.07 23.77
CA ASP B 82 -30.44 -25.59 24.99
C ASP B 82 -29.38 -25.89 26.06
N ASN B 83 -28.26 -25.19 25.99
CA ASN B 83 -27.15 -25.35 26.94
C ASN B 83 -26.61 -26.78 27.09
N GLU B 84 -26.92 -27.61 26.09
CA GLU B 84 -26.38 -28.97 26.04
C GLU B 84 -25.09 -29.00 25.24
N PRO B 85 -24.07 -29.70 25.78
CA PRO B 85 -22.76 -29.85 25.15
C PRO B 85 -22.86 -30.52 23.79
N LEU B 86 -22.11 -30.01 22.81
CA LEU B 86 -22.11 -30.57 21.47
C LEU B 86 -21.11 -31.71 21.39
N GLN B 87 -21.47 -32.75 20.66
CA GLN B 87 -20.52 -33.79 20.35
C GLN B 87 -19.56 -33.25 19.31
N ARG B 88 -20.06 -32.39 18.44
CA ARG B 88 -19.24 -31.72 17.43
C ARG B 88 -19.24 -30.21 17.65
N PRO B 89 -18.31 -29.74 18.47
CA PRO B 89 -18.14 -28.29 18.69
C PRO B 89 -17.71 -27.59 17.40
N ARG B 90 -18.03 -26.31 17.31
CA ARG B 90 -17.74 -25.52 16.15
C ARG B 90 -17.18 -24.16 16.57
N TYR B 91 -16.92 -23.31 15.59
CA TYR B 91 -16.51 -21.95 15.86
C TYR B 91 -16.95 -21.14 14.66
N GLU B 92 -17.14 -19.84 14.85
CA GLU B 92 -17.49 -18.94 13.76
C GLU B 92 -16.53 -17.76 13.70
N VAL B 93 -16.46 -17.12 12.54
CA VAL B 93 -15.58 -15.98 12.37
C VAL B 93 -16.33 -14.74 12.80
N ILE B 94 -15.66 -13.89 13.56
CA ILE B 94 -16.22 -12.60 13.97
C ILE B 94 -15.65 -11.51 13.07
N GLN B 95 -16.52 -10.83 12.35
CA GLN B 95 -16.10 -9.80 11.41
C GLN B 95 -15.62 -8.51 12.10
N ARG B 96 -14.76 -8.64 13.10
CA ARG B 96 -14.16 -7.47 13.74
C ARG B 96 -12.66 -7.69 13.90
N ALA B 97 -11.89 -6.62 13.79
CA ALA B 97 -10.44 -6.75 13.78
C ALA B 97 -9.91 -6.99 15.19
N VAL B 98 -8.94 -7.89 15.31
CA VAL B 98 -8.21 -8.08 16.56
C VAL B 98 -7.59 -6.74 16.97
N ASN B 99 -7.60 -6.44 18.26
CA ASN B 99 -7.04 -5.18 18.75
C ASN B 99 -5.89 -5.48 19.67
N PRO B 100 -5.07 -4.47 20.01
CA PRO B 100 -3.98 -4.78 20.95
C PRO B 100 -4.53 -5.18 22.31
N HIS B 101 -5.70 -4.68 22.66
CA HIS B 101 -6.29 -4.98 23.96
C HIS B 101 -7.13 -6.24 23.96
N THR B 102 -7.29 -6.89 22.82
CA THR B 102 -8.14 -8.07 22.77
C THR B 102 -7.70 -9.01 23.88
N MSE B 103 -8.66 -9.55 24.60
CA MSE B 103 -8.39 -10.11 25.92
C MSE B 103 -7.83 -11.50 25.91
O MSE B 103 -6.87 -11.81 26.63
CB MSE B 103 -9.69 -10.09 26.73
CG MSE B 103 -9.57 -10.68 28.11
SE MSE B 103 -10.66 -9.63 29.34
CE MSE B 103 -9.40 -8.18 29.62
N PHE B 104 -8.43 -12.37 25.10
CA PHE B 104 -8.00 -13.75 25.02
C PHE B 104 -7.26 -13.92 23.69
N MSE B 105 -5.94 -13.99 23.75
CA MSE B 105 -5.07 -14.03 22.56
CA MSE B 105 -5.18 -14.12 22.52
C MSE B 105 -4.26 -15.32 22.47
O MSE B 105 -3.83 -15.86 23.50
CB MSE B 105 -4.10 -12.85 22.56
CB MSE B 105 -4.42 -12.84 22.20
CG MSE B 105 -4.73 -11.48 22.33
CG MSE B 105 -5.33 -11.75 21.70
SE MSE B 105 -3.50 -10.00 22.73
SE MSE B 105 -4.33 -10.52 20.62
CE MSE B 105 -3.20 -10.38 24.63
CE MSE B 105 -3.54 -11.79 19.40
N ILE B 106 -4.01 -15.76 21.23
CA ILE B 106 -3.19 -16.93 20.94
C ILE B 106 -2.37 -16.61 19.70
N SER B 107 -1.05 -16.82 19.77
CA SER B 107 -0.18 -16.65 18.60
C SER B 107 0.38 -17.97 18.21
N GLY B 108 0.32 -18.29 16.93
CA GLY B 108 0.97 -19.48 16.43
C GLY B 108 0.88 -19.51 14.92
N PRO B 109 1.64 -20.42 14.29
CA PRO B 109 1.54 -20.55 12.85
C PRO B 109 0.19 -21.13 12.47
N LEU B 110 -0.28 -20.80 11.28
CA LEU B 110 -1.58 -21.27 10.84
C LEU B 110 -1.71 -22.78 10.93
N ALA B 111 -0.67 -23.51 10.54
CA ALA B 111 -0.78 -24.97 10.52
C ALA B 111 -1.14 -25.50 11.91
N GLU B 112 -0.44 -25.02 12.93
CA GLU B 112 -0.73 -25.43 14.29
C GLU B 112 -2.17 -25.08 14.70
N LEU B 113 -2.54 -23.82 14.51
CA LEU B 113 -3.89 -23.38 14.88
C LEU B 113 -4.98 -24.12 14.09
N GLN B 114 -4.66 -24.60 12.90
CA GLN B 114 -5.66 -25.35 12.12
C GLN B 114 -5.98 -26.68 12.77
N LEU B 115 -5.08 -27.15 13.64
CA LEU B 115 -5.36 -28.39 14.37
C LEU B 115 -6.66 -28.24 15.17
N ALA B 116 -6.90 -27.05 15.71
CA ALA B 116 -8.09 -26.79 16.53
C ALA B 116 -9.21 -26.24 15.67
N PHE B 117 -8.86 -25.24 14.86
CA PHE B 117 -9.82 -24.55 14.01
C PHE B 117 -9.74 -25.05 12.57
N GLN B 118 -10.59 -26.00 12.22
CA GLN B 118 -10.53 -26.62 10.90
C GLN B 118 -10.84 -25.58 9.84
N ASP B 119 -9.97 -25.51 8.83
CA ASP B 119 -10.13 -24.62 7.69
C ASP B 119 -9.98 -23.14 8.04
N LEU B 120 -9.28 -22.86 9.13
CA LEU B 120 -8.98 -21.48 9.50
C LEU B 120 -8.32 -20.78 8.32
N ASP B 121 -8.81 -19.58 8.02
CA ASP B 121 -8.27 -18.76 6.95
C ASP B 121 -8.36 -17.29 7.35
N LEU B 122 -7.64 -16.44 6.63
CA LEU B 122 -7.68 -15.01 6.88
C LEU B 122 -9.07 -14.39 6.74
N PRO B 123 -9.33 -13.34 7.53
CA PRO B 123 -10.57 -12.58 7.40
C PRO B 123 -10.53 -11.69 6.18
N GLU B 124 -11.65 -11.05 5.89
CA GLU B 124 -11.84 -10.28 4.68
C GLU B 124 -11.13 -8.95 4.68
N GLY B 125 -10.39 -8.71 3.61
CA GLY B 125 -9.73 -7.43 3.43
C GLY B 125 -8.80 -7.04 4.57
N PRO B 126 -8.82 -5.75 4.96
CA PRO B 126 -7.88 -5.22 5.95
C PRO B 126 -8.11 -5.72 7.38
N LEU B 127 -9.19 -6.47 7.64
CA LEU B 127 -9.38 -7.07 8.96
C LEU B 127 -8.17 -7.91 9.35
N ARG B 128 -7.55 -8.53 8.35
CA ARG B 128 -6.40 -9.39 8.56
C ARG B 128 -5.19 -8.66 9.18
N PHE B 129 -5.20 -7.32 9.14
CA PHE B 129 -4.12 -6.55 9.76
C PHE B 129 -4.30 -6.41 11.27
N GLY B 130 -5.44 -6.84 11.80
CA GLY B 130 -5.72 -6.67 13.21
C GLY B 130 -5.62 -5.23 13.65
N PRO B 131 -4.67 -4.95 14.54
CA PRO B 131 -4.48 -3.60 15.09
C PRO B 131 -4.25 -2.55 14.01
N LEU B 132 -3.88 -2.96 12.80
CA LEU B 132 -3.68 -1.98 11.76
C LEU B 132 -4.77 -1.99 10.71
N ALA B 133 -5.84 -2.72 10.99
CA ALA B 133 -6.96 -2.88 10.07
C ALA B 133 -7.57 -1.54 9.68
N ASN B 134 -7.31 -0.51 10.49
CA ASN B 134 -7.80 0.83 10.18
C ASN B 134 -6.69 1.84 9.92
N GLY B 135 -5.52 1.31 9.56
CA GLY B 135 -4.41 2.10 9.04
C GLY B 135 -3.70 2.95 10.06
N HIS B 136 -3.96 2.72 11.34
CA HIS B 136 -3.30 3.53 12.36
C HIS B 136 -1.90 3.04 12.62
N TYR B 137 -0.93 3.68 11.98
CA TYR B 137 0.47 3.29 12.09
C TYR B 137 1.21 4.21 13.06
N VAL B 138 1.73 3.65 14.15
CA VAL B 138 2.31 4.42 15.24
C VAL B 138 3.79 4.11 15.49
N GLN B 139 4.63 5.14 15.44
CA GLN B 139 6.06 4.99 15.65
C GLN B 139 6.29 4.29 16.98
N GLY B 140 7.13 3.25 16.97
CA GLY B 140 7.53 2.55 18.18
C GLY B 140 6.59 1.46 18.67
N ASP B 141 5.41 1.38 18.06
CA ASP B 141 4.40 0.41 18.45
C ASP B 141 4.79 -0.95 17.88
N PRO B 142 4.73 -2.01 18.69
CA PRO B 142 5.17 -3.32 18.19
C PRO B 142 4.31 -3.81 17.02
N TYR B 143 2.99 -3.60 17.05
CA TYR B 143 2.18 -4.06 15.93
C TYR B 143 2.51 -3.30 14.65
N SER B 144 2.78 -2.00 14.77
CA SER B 144 3.20 -1.19 13.63
C SER B 144 4.53 -1.70 13.07
N SER B 145 5.47 -2.00 13.97
CA SER B 145 6.78 -2.51 13.55
C SER B 145 6.70 -3.88 12.88
N SER B 146 5.71 -4.68 13.25
CA SER B 146 5.55 -6.02 12.69
C SER B 146 4.65 -6.04 11.45
N TYR B 147 3.95 -4.94 11.22
CA TYR B 147 3.09 -4.84 10.05
C TYR B 147 3.81 -5.11 8.73
N ARG B 148 3.17 -5.88 7.86
CA ARG B 148 3.67 -6.10 6.52
C ARG B 148 2.51 -6.08 5.55
N PRO B 149 2.67 -5.37 4.42
CA PRO B 149 1.64 -5.22 3.38
C PRO B 149 1.17 -6.57 2.84
N VAL B 150 0.07 -6.61 2.09
CA VAL B 150 -0.36 -7.89 1.52
C VAL B 150 0.58 -8.36 0.43
N THR B 151 0.64 -9.68 0.30
CA THR B 151 1.49 -10.34 -0.65
C THR B 151 0.71 -10.62 -1.93
N MSE B 152 1.42 -10.98 -2.99
CA MSE B 152 0.76 -11.29 -4.25
CA MSE B 152 0.78 -11.30 -4.26
C MSE B 152 -0.10 -12.54 -4.12
O MSE B 152 -1.11 -12.67 -4.83
CB MSE B 152 1.78 -11.41 -5.38
CB MSE B 152 1.85 -11.49 -5.34
CG MSE B 152 2.21 -10.05 -5.94
CG MSE B 152 2.58 -10.18 -5.69
SE MSE B 152 3.81 -10.09 -7.05
SE MSE B 152 4.45 -10.46 -6.23
CE MSE B 152 5.08 -10.75 -5.72
CE MSE B 152 5.00 -8.59 -6.47
N ALA B 153 0.26 -13.42 -3.21
CA ALA B 153 -0.54 -14.62 -2.99
C ALA B 153 -1.89 -14.19 -2.42
N GLU B 154 -1.88 -13.10 -1.65
CA GLU B 154 -3.10 -12.60 -1.04
C GLU B 154 -3.97 -11.83 -2.04
N THR B 155 -3.35 -10.99 -2.85
CA THR B 155 -4.11 -10.11 -3.73
C THR B 155 -4.77 -10.89 -4.86
N ALA B 156 -4.16 -11.98 -5.27
CA ALA B 156 -4.72 -12.81 -6.32
C ALA B 156 -6.06 -13.41 -5.86
N GLN B 157 -6.24 -13.56 -4.57
CA GLN B 157 -7.44 -14.22 -4.05
C GLN B 157 -8.58 -13.24 -3.78
N MSE B 158 -8.28 -11.95 -3.74
CA MSE B 158 -9.23 -10.98 -3.24
C MSE B 158 -10.29 -10.50 -4.24
O MSE B 158 -10.05 -10.43 -5.44
CB MSE B 158 -8.50 -9.76 -2.67
CG MSE B 158 -7.70 -10.07 -1.44
SE MSE B 158 -6.77 -8.48 -0.79
CE MSE B 158 -6.19 -9.18 0.94
N THR B 159 -11.47 -10.15 -3.70
CA THR B 159 -12.51 -9.51 -4.49
C THR B 159 -12.15 -8.04 -4.71
N ARG B 160 -12.88 -7.39 -5.62
CA ARG B 160 -12.62 -6.01 -5.94
C ARG B 160 -12.76 -5.13 -4.72
N ASP B 161 -13.86 -5.29 -3.98
CA ASP B 161 -14.09 -4.48 -2.80
C ASP B 161 -13.06 -4.70 -1.70
N GLU B 162 -12.59 -5.95 -1.56
CA GLU B 162 -11.49 -6.26 -0.63
C GLU B 162 -10.24 -5.51 -1.04
N LEU B 163 -9.91 -5.59 -2.32
CA LEU B 163 -8.74 -4.89 -2.86
C LEU B 163 -8.82 -3.39 -2.56
N GLU B 164 -9.98 -2.81 -2.81
CA GLU B 164 -10.20 -1.38 -2.59
C GLU B 164 -9.94 -1.02 -1.14
N ASP B 165 -10.62 -1.72 -0.22
CA ASP B 165 -10.46 -1.50 1.22
C ASP B 165 -9.02 -1.64 1.69
N VAL B 166 -8.35 -2.69 1.19
CA VAL B 166 -6.98 -2.96 1.60
C VAL B 166 -6.06 -1.87 1.09
N LEU B 167 -6.20 -1.54 -0.19
CA LEU B 167 -5.42 -0.47 -0.78
C LEU B 167 -5.65 0.87 -0.05
N ASN B 168 -6.91 1.20 0.24
CA ASN B 168 -7.20 2.44 0.97
C ASN B 168 -6.49 2.43 2.32
N THR B 169 -6.50 1.28 3.00
CA THR B 169 -5.85 1.16 4.30
C THR B 169 -4.34 1.29 4.21
N GLN B 170 -3.73 0.56 3.27
CA GLN B 170 -2.28 0.61 3.08
C GLN B 170 -1.84 2.00 2.68
N SER B 171 -2.68 2.71 1.92
CA SER B 171 -2.35 4.10 1.57
C SER B 171 -2.29 4.99 2.81
N GLU B 172 -3.19 4.79 3.77
CA GLU B 172 -3.13 5.59 5.00
C GLU B 172 -1.87 5.25 5.78
N ILE B 173 -1.49 3.98 5.77
CA ILE B 173 -0.28 3.57 6.43
C ILE B 173 0.98 4.22 5.83
N GLU B 174 1.05 4.26 4.50
CA GLU B 174 2.22 4.80 3.82
C GLU B 174 2.32 6.30 4.05
N ILE B 175 1.18 6.97 4.13
CA ILE B 175 1.18 8.39 4.43
C ILE B 175 1.83 8.62 5.81
N GLN B 176 1.53 7.76 6.77
CA GLN B 176 2.19 7.88 8.07
C GLN B 176 3.68 7.48 8.01
N MSE B 177 4.03 6.53 7.15
CA MSE B 177 5.42 6.12 6.99
C MSE B 177 6.22 7.20 6.30
O MSE B 177 7.41 7.39 6.58
CB MSE B 177 5.52 4.85 6.13
CG MSE B 177 5.12 3.57 6.83
SE MSE B 177 5.14 2.11 5.54
CE MSE B 177 4.59 0.59 6.64
N ILE B 178 5.59 7.89 5.36
CA ILE B 178 6.28 8.94 4.66
C ILE B 178 6.58 10.04 5.65
N ASN B 179 5.58 10.40 6.45
CA ASN B 179 5.77 11.45 7.43
C ASN B 179 6.91 11.12 8.38
N LEU B 180 7.00 9.84 8.75
CA LEU B 180 8.02 9.38 9.67
C LEU B 180 9.43 9.40 9.06
N LEU B 181 9.54 9.04 7.78
CA LEU B 181 10.82 9.04 7.09
C LEU B 181 11.41 10.44 7.08
N GLU B 182 10.57 11.43 6.77
CA GLU B 182 10.95 12.84 6.80
C GLU B 182 11.53 13.17 8.15
N LEU B 183 10.83 12.76 9.21
CA LEU B 183 11.24 13.08 10.56
C LEU B 183 12.56 12.42 10.94
N TYR B 184 12.81 11.22 10.41
CA TYR B 184 14.09 10.58 10.66
C TYR B 184 15.19 11.32 9.93
N GLU B 185 14.92 11.73 8.69
CA GLU B 185 15.95 12.43 7.95
C GLU B 185 16.34 13.73 8.63
N VAL B 186 15.36 14.43 9.20
CA VAL B 186 15.63 15.68 9.91
C VAL B 186 16.44 15.44 11.18
N GLU B 187 16.01 14.45 11.94
CA GLU B 187 16.67 14.05 13.17
C GLU B 187 18.08 13.58 12.87
N THR B 188 18.22 12.75 11.84
CA THR B 188 19.54 12.29 11.42
C THR B 188 20.48 13.46 11.14
N ARG B 189 20.06 14.37 10.26
CA ARG B 189 20.79 15.59 10.00
C ARG B 189 21.30 16.20 11.29
N ALA B 190 20.35 16.54 12.16
CA ALA B 190 20.63 17.22 13.40
C ALA B 190 21.71 16.51 14.19
N LEU B 191 21.52 15.21 14.41
CA LEU B 191 22.47 14.43 15.18
C LEU B 191 23.87 14.47 14.57
N ARG B 192 23.94 14.35 13.25
CA ARG B 192 25.23 14.38 12.57
C ARG B 192 25.98 15.71 12.70
N ARG B 193 25.22 16.81 12.78
CA ARG B 193 25.81 18.12 12.97
C ARG B 193 26.43 18.22 14.35
N GLN B 194 25.63 17.92 15.37
CA GLN B 194 26.11 17.91 16.75
C GLN B 194 27.35 17.05 16.92
N LEU B 195 27.42 15.94 16.19
CA LEU B 195 28.61 15.11 16.22
C LEU B 195 29.77 15.87 15.62
N ALA B 196 29.60 16.27 14.36
CA ALA B 196 30.62 16.99 13.62
C ALA B 196 31.25 18.11 14.44
N GLU B 197 30.41 18.88 15.13
CA GLU B 197 30.92 19.99 15.93
C GLU B 197 31.57 19.54 17.23
N ARG B 198 31.63 18.24 17.46
CA ARG B 198 32.42 17.69 18.55
C ARG B 198 33.60 16.89 17.99
N SER B 199 33.76 16.95 16.68
CA SER B 199 34.97 16.53 15.96
C SER B 199 35.53 15.15 16.33
#